data_7AZ2
#
_entry.id   7AZ2
#
_cell.length_a   82.142
_cell.length_b   112.024
_cell.length_c   62.456
_cell.angle_alpha   90.000
_cell.angle_beta   90.000
_cell.angle_gamma   90.000
#
_symmetry.space_group_name_H-M   'C 2 2 21'
#
loop_
_entity.id
_entity.type
_entity.pdbx_description
1 polymer '14-3-3 protein sigma'
2 polymer 'Peptidyl-prolyl cis-trans isomerase NIMA-interacting 1'
3 non-polymer 1-[4-methyl-2-(trifluoromethyl)phenyl]-2-phenyl-imidazole
4 non-polymer 'CALCIUM ION'
5 non-polymer 'CHLORIDE ION'
6 water water
#
loop_
_entity_poly.entity_id
_entity_poly.type
_entity_poly.pdbx_seq_one_letter_code
_entity_poly.pdbx_strand_id
1 'polypeptide(L)'
;AMGSMERASLIQKAKLAEQAERYEDMAAFMKGAVEKGEELS(CSO)EERNLLSVAYKNVVGGQRAAWRVLSSIEQKSNEE
GSEEKGPEVREYREKVETELQGVCDTVLGLLDSHLIKEAGDAESRVFYLKMKGDYYRYLAEVATGDDKKRIIDSARSAYQ
EAMDISKKEMPPTNPIRLGLALNFSVFHYEIANSPEEAISLAKTTFDEAMADLHTLSEDSYKDSTLIMQLLRDNLTLWTA
DNAGEEGGEAPQEPQS
;
A
2 'polypeptide(L)' LVKHSQSRRPS(SEP)WRQEK P
#
loop_
_chem_comp.id
_chem_comp.type
_chem_comp.name
_chem_comp.formula
CA non-polymer 'CALCIUM ION' 'Ca 2'
CL non-polymer 'CHLORIDE ION' 'Cl -1'
SFW non-polymer 1-[4-methyl-2-(trifluoromethyl)phenyl]-2-phenyl-imidazole 'C17 H13 F3 N2'
#
# COMPACT_ATOMS: atom_id res chain seq x y z
N ALA A 1 20.46 -5.33 11.10
CA ALA A 1 20.61 -6.47 12.00
C ALA A 1 20.69 -7.77 11.22
N MET A 2 20.31 -7.72 9.95
CA MET A 2 20.34 -8.87 9.06
C MET A 2 21.59 -8.91 8.18
N GLY A 3 22.56 -8.03 8.46
CA GLY A 3 23.71 -7.90 7.58
C GLY A 3 24.53 -9.16 7.45
N SER A 4 24.51 -10.03 8.47
N SER A 4 24.49 -10.03 8.47
CA SER A 4 25.32 -11.24 8.42
CA SER A 4 25.29 -11.25 8.46
C SER A 4 24.60 -12.44 7.80
C SER A 4 24.59 -12.43 7.81
N MET A 5 23.32 -12.31 7.46
CA MET A 5 22.57 -13.41 6.89
C MET A 5 22.58 -13.33 5.36
N GLU A 6 22.75 -14.48 4.71
CA GLU A 6 22.71 -14.56 3.26
C GLU A 6 21.38 -14.06 2.72
N ARG A 7 21.44 -13.39 1.57
CA ARG A 7 20.22 -12.94 0.91
C ARG A 7 19.22 -14.08 0.73
N ALA A 8 19.69 -15.22 0.24
CA ALA A 8 18.78 -16.33 -0.03
C ALA A 8 18.14 -16.84 1.26
N SER A 9 18.90 -16.83 2.35
CA SER A 9 18.37 -17.26 3.64
C SER A 9 17.33 -16.29 4.16
N LEU A 10 17.54 -14.99 3.95
CA LEU A 10 16.54 -14.01 4.36
C LEU A 10 15.23 -14.21 3.60
N ILE A 11 15.32 -14.47 2.30
N ILE A 11 15.32 -14.49 2.30
CA ILE A 11 14.13 -14.73 1.50
CA ILE A 11 14.09 -14.71 1.53
C ILE A 11 13.43 -15.99 1.98
C ILE A 11 13.42 -16.01 1.96
N GLN A 12 14.20 -17.05 2.20
CA GLN A 12 13.61 -18.31 2.69
C GLN A 12 12.93 -18.10 4.03
N LYS A 13 13.57 -17.37 4.94
CA LYS A 13 12.96 -17.12 6.23
C LYS A 13 11.74 -16.20 6.14
N ALA A 14 11.74 -15.25 5.20
CA ALA A 14 10.54 -14.46 4.98
C ALA A 14 9.36 -15.34 4.59
N LYS A 15 9.60 -16.34 3.75
CA LYS A 15 8.52 -17.25 3.35
C LYS A 15 8.05 -18.09 4.53
N LEU A 16 8.99 -18.53 5.38
CA LEU A 16 8.59 -19.27 6.58
C LEU A 16 7.80 -18.39 7.53
N ALA A 17 8.25 -17.14 7.70
CA ALA A 17 7.54 -16.22 8.58
C ALA A 17 6.13 -15.98 8.08
N GLU A 18 5.95 -15.88 6.76
CA GLU A 18 4.61 -15.74 6.22
C GLU A 18 3.73 -16.94 6.60
N GLN A 19 4.26 -18.15 6.41
CA GLN A 19 3.50 -19.35 6.76
C GLN A 19 3.14 -19.37 8.23
N ALA A 20 4.02 -18.86 9.08
CA ALA A 20 3.81 -18.82 10.52
C ALA A 20 3.03 -17.59 10.97
N GLU A 21 2.61 -16.73 10.03
CA GLU A 21 1.89 -15.49 10.33
C GLU A 21 2.68 -14.59 11.28
N ARG A 22 3.99 -14.55 11.08
CA ARG A 22 4.90 -13.72 11.86
C ARG A 22 5.33 -12.56 10.97
N TYR A 23 4.44 -11.58 10.81
CA TYR A 23 4.65 -10.58 9.78
C TYR A 23 5.72 -9.57 10.15
N GLU A 24 5.90 -9.27 11.44
N GLU A 24 5.89 -9.26 11.44
CA GLU A 24 7.01 -8.41 11.84
CA GLU A 24 7.00 -8.41 11.83
C GLU A 24 8.34 -9.04 11.48
C GLU A 24 8.33 -9.05 11.48
N ASP A 25 8.50 -10.34 11.78
CA ASP A 25 9.70 -11.05 11.36
C ASP A 25 9.84 -11.00 9.85
N MET A 26 8.75 -11.29 9.14
CA MET A 26 8.78 -11.30 7.68
C MET A 26 9.28 -9.97 7.13
N ALA A 27 8.78 -8.87 7.69
CA ALA A 27 9.20 -7.55 7.23
C ALA A 27 10.67 -7.31 7.53
N ALA A 28 11.14 -7.73 8.71
CA ALA A 28 12.55 -7.57 9.02
C ALA A 28 13.43 -8.39 8.08
N PHE A 29 13.02 -9.60 7.75
CA PHE A 29 13.80 -10.40 6.81
C PHE A 29 13.84 -9.73 5.44
N MET A 30 12.69 -9.23 4.97
CA MET A 30 12.65 -8.59 3.65
C MET A 30 13.41 -7.28 3.63
N LYS A 31 13.37 -6.51 4.71
CA LYS A 31 14.21 -5.31 4.80
C LYS A 31 15.67 -5.70 4.67
N GLY A 32 16.10 -6.74 5.38
CA GLY A 32 17.46 -7.22 5.23
C GLY A 32 17.79 -7.62 3.81
N ALA A 33 16.86 -8.29 3.13
CA ALA A 33 17.10 -8.68 1.75
C ALA A 33 17.24 -7.45 0.85
N VAL A 34 16.36 -6.46 1.02
CA VAL A 34 16.48 -5.24 0.21
C VAL A 34 17.84 -4.58 0.43
N GLU A 35 18.29 -4.55 1.68
CA GLU A 35 19.54 -3.87 2.01
C GLU A 35 20.77 -4.59 1.46
N LYS A 36 20.60 -5.78 0.90
CA LYS A 36 21.72 -6.40 0.20
C LYS A 36 22.09 -5.63 -1.05
N GLY A 37 21.21 -4.80 -1.56
CA GLY A 37 21.52 -3.89 -2.65
C GLY A 37 21.17 -4.40 -4.02
N GLU A 38 20.75 -5.65 -4.16
CA GLU A 38 20.34 -6.19 -5.44
C GLU A 38 18.87 -5.87 -5.68
N GLU A 39 18.50 -5.77 -6.95
CA GLU A 39 17.10 -5.63 -7.32
C GLU A 39 16.30 -6.84 -6.84
N LEU A 40 15.00 -6.66 -6.68
CA LEU A 40 14.11 -7.73 -6.23
C LEU A 40 13.36 -8.31 -7.41
N SER A 41 13.18 -9.62 -7.38
CA SER A 41 12.36 -10.30 -8.37
C SER A 41 10.89 -10.02 -8.09
N CSO A 42 10.04 -10.44 -9.02
CA CSO A 42 8.61 -10.29 -8.86
CB CSO A 42 7.92 -10.90 -10.07
SG CSO A 42 6.13 -10.88 -9.92
C CSO A 42 8.13 -10.93 -7.54
O CSO A 42 7.40 -10.32 -6.75
OD CSO A 42 5.57 -12.37 -9.13
N GLU A 43 8.55 -12.16 -7.29
CA GLU A 43 8.15 -12.88 -6.09
C GLU A 43 8.64 -12.15 -4.83
N GLU A 44 9.87 -11.64 -4.90
CA GLU A 44 10.45 -10.95 -3.76
C GLU A 44 9.75 -9.63 -3.49
N ARG A 45 9.35 -8.90 -4.53
CA ARG A 45 8.57 -7.69 -4.33
C ARG A 45 7.26 -8.00 -3.64
N ASN A 46 6.62 -9.11 -4.03
CA ASN A 46 5.37 -9.51 -3.39
C ASN A 46 5.57 -9.82 -1.91
N LEU A 47 6.68 -10.49 -1.57
CA LEU A 47 6.96 -10.78 -0.17
C LEU A 47 7.16 -9.49 0.62
N LEU A 48 7.90 -8.53 0.06
CA LEU A 48 8.12 -7.25 0.73
C LEU A 48 6.79 -6.56 1.00
N SER A 49 5.92 -6.53 -0.01
CA SER A 49 4.66 -5.84 0.14
C SER A 49 3.75 -6.54 1.15
N VAL A 50 3.65 -7.86 1.08
CA VAL A 50 2.80 -8.60 2.01
C VAL A 50 3.25 -8.37 3.45
N ALA A 51 4.56 -8.39 3.68
CA ALA A 51 5.07 -8.26 5.04
C ALA A 51 4.67 -6.91 5.62
N TYR A 52 5.00 -5.83 4.91
CA TYR A 52 4.75 -4.50 5.45
C TYR A 52 3.27 -4.16 5.45
N LYS A 53 2.50 -4.65 4.48
CA LYS A 53 1.06 -4.37 4.50
C LYS A 53 0.41 -4.98 5.72
N ASN A 54 0.85 -6.17 6.12
CA ASN A 54 0.29 -6.80 7.31
C ASN A 54 0.73 -6.08 8.57
N VAL A 55 2.00 -5.69 8.66
CA VAL A 55 2.45 -4.95 9.85
C VAL A 55 1.68 -3.65 9.98
N VAL A 56 1.67 -2.83 8.92
N VAL A 56 1.70 -2.82 8.93
CA VAL A 56 1.02 -1.54 9.01
CA VAL A 56 1.01 -1.53 9.02
C VAL A 56 -0.49 -1.69 9.08
C VAL A 56 -0.50 -1.73 9.14
N GLY A 57 -1.05 -2.76 8.53
CA GLY A 57 -2.48 -2.98 8.62
C GLY A 57 -2.94 -3.18 10.06
N GLY A 58 -2.16 -3.93 10.83
CA GLY A 58 -2.47 -4.10 12.25
C GLY A 58 -2.32 -2.79 13.00
N GLN A 59 -1.32 -2.00 12.66
CA GLN A 59 -1.14 -0.71 13.34
C GLN A 59 -2.29 0.24 13.01
N ARG A 60 -2.71 0.26 11.73
CA ARG A 60 -3.82 1.12 11.33
C ARG A 60 -5.10 0.72 12.04
N ALA A 61 -5.37 -0.58 12.12
CA ALA A 61 -6.58 -1.02 12.81
C ALA A 61 -6.56 -0.61 14.28
N ALA A 62 -5.40 -0.76 14.93
CA ALA A 62 -5.28 -0.35 16.33
C ALA A 62 -5.44 1.16 16.47
N TRP A 63 -4.81 1.92 15.58
CA TRP A 63 -4.93 3.37 15.61
C TRP A 63 -6.38 3.80 15.47
N ARG A 64 -7.14 3.15 14.59
N ARG A 64 -7.15 3.14 14.60
CA ARG A 64 -8.54 3.51 14.42
CA ARG A 64 -8.55 3.51 14.42
C ARG A 64 -9.36 3.23 15.67
C ARG A 64 -9.36 3.23 15.67
N VAL A 65 -9.10 2.08 16.33
CA VAL A 65 -9.79 1.79 17.59
C VAL A 65 -9.50 2.87 18.61
N LEU A 66 -8.23 3.22 18.77
CA LEU A 66 -7.84 4.19 19.79
C LEU A 66 -8.34 5.58 19.45
N SER A 67 -8.29 5.95 18.17
N SER A 67 -8.30 5.96 18.17
CA SER A 67 -8.77 7.26 17.75
CA SER A 67 -8.79 7.28 17.78
C SER A 67 -10.27 7.41 18.02
C SER A 67 -10.28 7.40 18.04
N SER A 68 -11.03 6.33 17.82
CA SER A 68 -12.47 6.37 18.10
C SER A 68 -12.74 6.54 19.58
N ILE A 69 -11.99 5.83 20.43
CA ILE A 69 -12.11 5.99 21.88
C ILE A 69 -11.76 7.41 22.28
N GLU A 70 -10.68 7.95 21.71
CA GLU A 70 -10.25 9.31 22.04
C GLU A 70 -11.29 10.34 21.65
N GLN A 71 -11.90 10.17 20.48
CA GLN A 71 -12.91 11.14 20.03
C GLN A 71 -14.15 11.09 20.90
N LYS A 72 -14.53 9.89 21.37
CA LYS A 72 -15.67 9.80 22.28
C LYS A 72 -15.37 10.46 23.62
N SER A 73 -14.11 10.40 24.06
N SER A 73 -14.12 10.40 24.08
CA SER A 73 -13.75 11.02 25.33
CA SER A 73 -13.76 11.02 25.34
C SER A 73 -13.73 12.54 25.25
C SER A 73 -13.71 12.54 25.24
N ASN A 74 -13.51 13.09 24.05
CA ASN A 74 -13.47 14.52 23.84
C ASN A 74 -14.83 15.14 23.55
N GLU A 75 -15.87 14.33 23.39
CA GLU A 75 -17.20 14.83 23.08
C GLU A 75 -17.77 15.63 24.25
N LYS A 81 -11.48 12.85 31.65
CA LYS A 81 -10.51 11.79 31.91
C LYS A 81 -9.08 12.29 31.74
N GLY A 82 -8.12 11.37 31.91
CA GLY A 82 -6.72 11.71 31.89
C GLY A 82 -6.09 11.64 30.51
N PRO A 83 -4.75 11.74 30.47
CA PRO A 83 -4.05 11.78 29.18
C PRO A 83 -3.80 10.42 28.54
N GLU A 84 -4.26 9.32 29.15
CA GLU A 84 -3.79 7.98 28.76
C GLU A 84 -4.24 7.60 27.35
N VAL A 85 -5.48 7.89 26.97
CA VAL A 85 -5.96 7.49 25.65
C VAL A 85 -5.17 8.20 24.56
N ARG A 86 -4.99 9.51 24.73
CA ARG A 86 -4.19 10.27 23.77
C ARG A 86 -2.76 9.77 23.76
N GLU A 87 -2.17 9.53 24.93
CA GLU A 87 -0.80 9.06 24.99
C GLU A 87 -0.65 7.74 24.24
N TYR A 88 -1.57 6.82 24.46
CA TYR A 88 -1.42 5.51 23.82
C TYR A 88 -1.71 5.57 22.32
N ARG A 89 -2.71 6.35 21.91
CA ARG A 89 -2.91 6.59 20.48
C ARG A 89 -1.66 7.18 19.85
N GLU A 90 -1.03 8.13 20.55
N GLU A 90 -1.01 8.13 20.53
CA GLU A 90 0.21 8.73 20.08
CA GLU A 90 0.22 8.71 20.01
C GLU A 90 1.31 7.69 19.93
C GLU A 90 1.34 7.68 19.92
N LYS A 91 1.42 6.78 20.89
CA LYS A 91 2.43 5.72 20.83
C LYS A 91 2.24 4.85 19.60
N VAL A 92 1.01 4.38 19.38
CA VAL A 92 0.72 3.55 18.21
C VAL A 92 0.97 4.34 16.93
N GLU A 93 0.58 5.62 16.91
CA GLU A 93 0.76 6.47 15.75
C GLU A 93 2.24 6.63 15.41
N THR A 94 3.08 6.84 16.43
CA THR A 94 4.50 7.01 16.18
C THR A 94 5.11 5.73 15.64
N GLU A 95 4.65 4.58 16.12
N GLU A 95 4.69 4.59 16.16
CA GLU A 95 5.19 3.31 15.63
CA GLU A 95 5.17 3.32 15.64
C GLU A 95 4.73 3.03 14.20
C GLU A 95 4.77 3.16 14.18
N LEU A 96 3.51 3.43 13.88
CA LEU A 96 3.02 3.34 12.50
C LEU A 96 3.82 4.25 11.58
N GLN A 97 4.05 5.49 12.00
CA GLN A 97 4.85 6.41 11.19
C GLN A 97 6.25 5.87 10.99
N GLY A 98 6.82 5.22 12.01
CA GLY A 98 8.15 4.67 11.86
C GLY A 98 8.21 3.56 10.84
N VAL A 99 7.18 2.71 10.80
CA VAL A 99 7.16 1.65 9.79
C VAL A 99 7.01 2.25 8.40
N CYS A 100 6.10 3.21 8.23
CA CYS A 100 5.95 3.86 6.93
C CYS A 100 7.24 4.51 6.49
N ASP A 101 7.92 5.21 7.40
CA ASP A 101 9.19 5.83 7.07
C ASP A 101 10.22 4.78 6.66
N THR A 102 10.21 3.62 7.32
CA THR A 102 11.15 2.57 6.95
C THR A 102 10.89 2.09 5.52
N VAL A 103 9.63 1.85 5.19
CA VAL A 103 9.29 1.40 3.84
C VAL A 103 9.68 2.45 2.81
N LEU A 104 9.29 3.70 3.06
CA LEU A 104 9.63 4.77 2.15
C LEU A 104 11.13 4.91 2.00
N GLY A 105 11.87 4.66 3.08
CA GLY A 105 13.32 4.72 3.00
C GLY A 105 13.90 3.63 2.11
N LEU A 106 13.34 2.43 2.17
CA LEU A 106 13.80 1.36 1.28
C LEU A 106 13.50 1.71 -0.17
N LEU A 107 12.32 2.28 -0.42
CA LEU A 107 11.97 2.66 -1.78
C LEU A 107 12.90 3.74 -2.31
N ASP A 108 13.27 4.69 -1.46
CA ASP A 108 14.15 5.79 -1.87
C ASP A 108 15.62 5.40 -1.89
N SER A 109 15.99 4.30 -1.23
CA SER A 109 17.41 3.90 -1.13
C SER A 109 17.49 2.37 -1.23
N HIS A 110 17.44 1.82 -2.45
CA HIS A 110 17.40 2.57 -3.72
C HIS A 110 16.51 1.83 -4.71
N LEU A 111 15.39 1.29 -4.22
CA LEU A 111 14.59 0.40 -5.07
C LEU A 111 14.03 1.12 -6.28
N ILE A 112 13.46 2.31 -6.09
CA ILE A 112 12.81 3.00 -7.21
C ILE A 112 13.84 3.40 -8.26
N LYS A 113 14.97 3.96 -7.85
CA LYS A 113 15.89 4.48 -8.85
C LYS A 113 16.51 3.37 -9.69
N GLU A 114 16.58 2.15 -9.16
CA GLU A 114 17.10 1.04 -9.94
C GLU A 114 16.03 0.30 -10.73
N ALA A 115 14.77 0.66 -10.58
CA ALA A 115 13.67 -0.06 -11.21
C ALA A 115 13.38 0.56 -12.59
N GLY A 116 13.77 -0.15 -13.64
CA GLY A 116 13.61 0.34 -14.99
C GLY A 116 12.46 -0.31 -15.73
N ASP A 117 12.16 -1.56 -15.41
CA ASP A 117 11.04 -2.22 -16.07
C ASP A 117 9.73 -1.68 -15.52
N ALA A 118 8.72 -1.62 -16.38
CA ALA A 118 7.43 -1.08 -15.95
C ALA A 118 6.87 -1.83 -14.75
N GLU A 119 6.97 -3.16 -14.75
CA GLU A 119 6.37 -3.93 -13.66
C GLU A 119 6.98 -3.54 -12.32
N SER A 120 8.31 -3.42 -12.27
N SER A 120 8.32 -3.41 -12.28
CA SER A 120 8.93 -3.09 -10.99
CA SER A 120 8.97 -3.09 -11.02
C SER A 120 8.70 -1.64 -10.61
C SER A 120 8.72 -1.65 -10.62
N ARG A 121 8.84 -0.72 -11.56
CA ARG A 121 8.70 0.69 -11.24
C ARG A 121 7.28 1.02 -10.78
N VAL A 122 6.27 0.51 -11.49
CA VAL A 122 4.89 0.73 -11.07
C VAL A 122 4.65 0.14 -9.68
N PHE A 123 5.14 -1.08 -9.45
CA PHE A 123 4.98 -1.71 -8.15
C PHE A 123 5.51 -0.82 -7.02
N TYR A 124 6.73 -0.30 -7.19
CA TYR A 124 7.33 0.49 -6.12
C TYR A 124 6.67 1.85 -5.96
N LEU A 125 6.24 2.45 -7.06
CA LEU A 125 5.56 3.74 -6.96
C LEU A 125 4.18 3.59 -6.34
N LYS A 126 3.50 2.48 -6.62
CA LYS A 126 2.26 2.18 -5.90
C LYS A 126 2.52 2.06 -4.41
N MET A 127 3.57 1.34 -4.04
N MET A 127 3.58 1.35 -4.03
CA MET A 127 3.94 1.23 -2.62
CA MET A 127 3.92 1.23 -2.63
C MET A 127 4.19 2.60 -2.02
C MET A 127 4.21 2.59 -2.02
N LYS A 128 4.93 3.44 -2.74
CA LYS A 128 5.22 4.78 -2.23
C LYS A 128 3.93 5.56 -1.99
N GLY A 129 3.00 5.52 -2.95
CA GLY A 129 1.71 6.14 -2.74
C GLY A 129 0.98 5.58 -1.53
N ASP A 130 0.98 4.26 -1.39
CA ASP A 130 0.28 3.62 -0.27
C ASP A 130 0.83 4.08 1.07
N TYR A 131 2.16 4.08 1.22
CA TYR A 131 2.72 4.40 2.54
C TYR A 131 2.62 5.89 2.85
N TYR A 132 2.68 6.77 1.85
CA TYR A 132 2.32 8.15 2.11
C TYR A 132 0.84 8.28 2.44
N ARG A 133 -0.03 7.47 1.82
CA ARG A 133 -1.44 7.49 2.17
C ARG A 133 -1.65 7.09 3.63
N TYR A 134 -0.94 6.06 4.10
CA TYR A 134 -1.06 5.68 5.51
C TYR A 134 -0.56 6.79 6.42
N LEU A 135 0.53 7.46 6.06
CA LEU A 135 0.94 8.63 6.81
C LEU A 135 -0.12 9.72 6.80
N ALA A 136 -0.79 9.91 5.66
CA ALA A 136 -1.81 10.94 5.56
C ALA A 136 -3.01 10.64 6.44
N GLU A 137 -3.31 9.36 6.65
CA GLU A 137 -4.46 8.98 7.48
C GLU A 137 -4.32 9.50 8.90
N VAL A 138 -3.10 9.64 9.41
CA VAL A 138 -2.86 10.06 10.78
C VAL A 138 -2.32 11.46 10.87
N ALA A 139 -2.10 12.14 9.75
CA ALA A 139 -1.46 13.44 9.78
C ALA A 139 -2.44 14.53 10.15
N THR A 140 -1.96 15.49 10.94
CA THR A 140 -2.76 16.63 11.40
C THR A 140 -1.98 17.94 11.43
N GLY A 141 -0.67 17.94 11.23
CA GLY A 141 0.15 19.13 11.37
C GLY A 141 0.30 19.92 10.09
N ASP A 142 1.41 20.65 9.99
CA ASP A 142 1.66 21.57 8.89
C ASP A 142 2.22 20.89 7.65
N ASP A 143 2.60 19.62 7.73
CA ASP A 143 3.09 18.89 6.57
C ASP A 143 2.06 17.93 5.99
N LYS A 144 0.80 18.02 6.45
CA LYS A 144 -0.24 17.10 5.99
C LYS A 144 -0.56 17.30 4.52
N LYS A 145 -0.66 18.55 4.07
CA LYS A 145 -0.88 18.80 2.65
C LYS A 145 0.27 18.25 1.83
N ARG A 146 1.50 18.41 2.32
CA ARG A 146 2.65 17.89 1.59
C ARG A 146 2.66 16.36 1.59
N ILE A 147 2.23 15.72 2.68
CA ILE A 147 2.14 14.26 2.71
C ILE A 147 1.12 13.78 1.68
N ILE A 148 -0.05 14.42 1.64
CA ILE A 148 -1.07 14.07 0.65
C ILE A 148 -0.54 14.26 -0.76
N ASP A 149 0.18 15.36 -1.00
CA ASP A 149 0.69 15.56 -2.35
C ASP A 149 1.78 14.56 -2.71
N SER A 150 2.57 14.12 -1.74
CA SER A 150 3.56 13.08 -2.01
C SER A 150 2.88 11.78 -2.42
N ALA A 151 1.79 11.41 -1.75
CA ALA A 151 1.05 10.22 -2.15
C ALA A 151 0.50 10.38 -3.56
N ARG A 152 -0.14 11.53 -3.81
N ARG A 152 -0.14 11.53 -3.81
CA ARG A 152 -0.73 11.78 -5.13
CA ARG A 152 -0.74 11.79 -5.12
C ARG A 152 0.31 11.69 -6.23
C ARG A 152 0.31 11.70 -6.22
N SER A 153 1.47 12.33 -6.00
CA SER A 153 2.51 12.35 -7.02
C SER A 153 3.04 10.96 -7.34
N ALA A 154 3.22 10.13 -6.32
CA ALA A 154 3.70 8.76 -6.55
C ALA A 154 2.65 7.95 -7.32
N TYR A 155 1.40 8.02 -6.88
CA TYR A 155 0.33 7.32 -7.58
C TYR A 155 0.23 7.79 -9.02
N GLN A 156 0.32 9.10 -9.25
CA GLN A 156 0.16 9.64 -10.60
C GLN A 156 1.27 9.16 -11.52
N GLU A 157 2.52 9.16 -11.04
CA GLU A 157 3.61 8.66 -11.87
C GLU A 157 3.39 7.18 -12.20
N ALA A 158 2.98 6.39 -11.21
CA ALA A 158 2.70 4.98 -11.45
C ALA A 158 1.57 4.82 -12.47
N MET A 159 0.53 5.65 -12.36
N MET A 159 0.52 5.63 -12.36
CA MET A 159 -0.59 5.58 -13.29
CA MET A 159 -0.59 5.57 -13.31
C MET A 159 -0.15 5.89 -14.70
C MET A 159 -0.11 5.87 -14.72
N ASP A 160 0.71 6.91 -14.86
CA ASP A 160 1.17 7.29 -16.19
C ASP A 160 1.96 6.16 -16.83
N ILE A 161 2.86 5.53 -16.07
CA ILE A 161 3.63 4.42 -16.62
C ILE A 161 2.72 3.26 -16.95
N SER A 162 1.79 2.93 -16.05
CA SER A 162 0.96 1.75 -16.22
C SER A 162 0.08 1.88 -17.46
N LYS A 163 -0.42 3.08 -17.73
CA LYS A 163 -1.28 3.26 -18.89
C LYS A 163 -0.49 3.15 -20.18
N LYS A 164 0.78 3.55 -20.16
CA LYS A 164 1.61 3.46 -21.36
C LYS A 164 2.16 2.05 -21.59
N GLU A 165 2.45 1.30 -20.52
CA GLU A 165 3.26 0.11 -20.63
C GLU A 165 2.54 -1.19 -20.30
N MET A 166 1.33 -1.16 -19.77
CA MET A 166 0.68 -2.38 -19.34
C MET A 166 -0.72 -2.46 -19.92
N PRO A 167 -1.22 -3.68 -20.15
CA PRO A 167 -2.62 -3.83 -20.54
C PRO A 167 -3.54 -3.47 -19.40
N PRO A 168 -4.79 -3.12 -19.70
CA PRO A 168 -5.71 -2.68 -18.64
C PRO A 168 -6.06 -3.76 -17.65
N THR A 169 -5.77 -5.03 -17.93
CA THR A 169 -6.07 -6.12 -17.02
C THR A 169 -4.88 -6.48 -16.13
N ASN A 170 -3.73 -5.87 -16.33
CA ASN A 170 -2.56 -6.25 -15.56
C ASN A 170 -2.85 -6.08 -14.07
N PRO A 171 -2.62 -7.11 -13.26
CA PRO A 171 -3.00 -6.99 -11.83
C PRO A 171 -2.37 -5.81 -11.09
N ILE A 172 -1.12 -5.45 -11.36
CA ILE A 172 -0.54 -4.32 -10.66
C ILE A 172 -1.19 -3.01 -11.12
N ARG A 173 -1.51 -2.90 -12.41
CA ARG A 173 -2.23 -1.73 -12.90
C ARG A 173 -3.59 -1.62 -12.23
N LEU A 174 -4.30 -2.74 -12.09
CA LEU A 174 -5.61 -2.74 -11.44
C LEU A 174 -5.50 -2.39 -9.96
N GLY A 175 -4.56 -3.00 -9.25
CA GLY A 175 -4.41 -2.69 -7.83
C GLY A 175 -3.99 -1.26 -7.59
N LEU A 176 -3.13 -0.73 -8.44
CA LEU A 176 -2.75 0.67 -8.36
C LEU A 176 -3.97 1.57 -8.52
N ALA A 177 -4.79 1.31 -9.55
CA ALA A 177 -5.96 2.15 -9.78
C ALA A 177 -6.94 2.04 -8.62
N LEU A 178 -7.13 0.82 -8.10
CA LEU A 178 -7.96 0.62 -6.93
C LEU A 178 -7.50 1.49 -5.77
N ASN A 179 -6.20 1.45 -5.48
CA ASN A 179 -5.68 2.18 -4.32
C ASN A 179 -5.68 3.68 -4.55
N PHE A 180 -5.39 4.12 -5.78
CA PHE A 180 -5.47 5.55 -6.07
C PHE A 180 -6.90 6.04 -5.93
N SER A 181 -7.87 5.22 -6.35
N SER A 181 -7.86 5.20 -6.32
CA SER A 181 -9.27 5.59 -6.16
CA SER A 181 -9.27 5.57 -6.17
C SER A 181 -9.60 5.73 -4.68
C SER A 181 -9.67 5.66 -4.70
N VAL A 182 -9.11 4.80 -3.85
CA VAL A 182 -9.32 4.92 -2.41
C VAL A 182 -8.68 6.20 -1.88
N PHE A 183 -7.47 6.51 -2.34
CA PHE A 183 -6.83 7.79 -2.00
C PHE A 183 -7.76 8.96 -2.32
N HIS A 184 -8.31 8.99 -3.53
CA HIS A 184 -9.21 10.09 -3.90
C HIS A 184 -10.39 10.17 -2.94
N TYR A 185 -10.99 9.03 -2.62
CA TYR A 185 -12.22 9.03 -1.82
C TYR A 185 -11.93 9.38 -0.36
N GLU A 186 -10.93 8.75 0.23
CA GLU A 186 -10.73 8.82 1.68
C GLU A 186 -9.77 9.91 2.11
N ILE A 187 -8.82 10.29 1.26
CA ILE A 187 -7.75 11.20 1.64
C ILE A 187 -7.94 12.56 1.00
N ALA A 188 -8.20 12.58 -0.31
CA ALA A 188 -8.22 13.82 -1.07
C ALA A 188 -9.60 14.45 -1.11
N ASN A 189 -10.60 13.87 -0.45
N ASN A 189 -10.60 13.86 -0.46
CA ASN A 189 -11.95 14.42 -0.45
CA ASN A 189 -11.97 14.39 -0.44
C ASN A 189 -12.45 14.64 -1.88
C ASN A 189 -12.50 14.61 -1.86
N SER A 190 -12.20 13.66 -2.75
CA SER A 190 -12.57 13.72 -4.16
C SER A 190 -13.37 12.47 -4.52
N PRO A 191 -14.56 12.30 -3.96
CA PRO A 191 -15.33 11.08 -4.24
C PRO A 191 -15.71 10.94 -5.70
N GLU A 192 -15.97 12.03 -6.42
CA GLU A 192 -16.29 11.89 -7.84
C GLU A 192 -15.10 11.37 -8.63
N GLU A 193 -13.90 11.87 -8.34
CA GLU A 193 -12.71 11.34 -9.00
C GLU A 193 -12.51 9.87 -8.67
N ALA A 194 -12.74 9.49 -7.42
CA ALA A 194 -12.62 8.09 -7.00
C ALA A 194 -13.56 7.21 -7.80
N ILE A 195 -14.82 7.64 -7.92
CA ILE A 195 -15.83 6.86 -8.63
C ILE A 195 -15.48 6.78 -10.12
N SER A 196 -15.12 7.90 -10.72
N SER A 196 -15.10 7.90 -10.72
CA SER A 196 -14.76 7.91 -12.14
CA SER A 196 -14.76 7.90 -12.14
C SER A 196 -13.60 6.97 -12.40
C SER A 196 -13.57 7.01 -12.44
N LEU A 197 -12.55 7.05 -11.58
CA LEU A 197 -11.39 6.20 -11.79
C LEU A 197 -11.75 4.73 -11.66
N ALA A 198 -12.52 4.38 -10.64
CA ALA A 198 -12.89 2.98 -10.46
C ALA A 198 -13.73 2.47 -11.63
N LYS A 199 -14.69 3.29 -12.10
CA LYS A 199 -15.55 2.89 -13.21
C LYS A 199 -14.74 2.70 -14.50
N THR A 200 -13.90 3.67 -14.84
N THR A 200 -13.90 3.68 -14.87
CA THR A 200 -13.12 3.62 -16.06
CA THR A 200 -13.16 3.54 -16.11
C THR A 200 -12.13 2.45 -16.04
C THR A 200 -12.17 2.37 -16.03
N THR A 201 -11.52 2.20 -14.88
CA THR A 201 -10.62 1.08 -14.72
C THR A 201 -11.34 -0.24 -14.92
N PHE A 202 -12.50 -0.38 -14.29
CA PHE A 202 -13.29 -1.61 -14.40
C PHE A 202 -13.68 -1.87 -15.85
N ASP A 203 -14.21 -0.84 -16.51
CA ASP A 203 -14.73 -1.02 -17.86
C ASP A 203 -13.61 -1.34 -18.84
N GLU A 204 -12.45 -0.69 -18.71
CA GLU A 204 -11.37 -0.96 -19.63
C GLU A 204 -10.78 -2.35 -19.39
N ALA A 205 -10.77 -2.81 -18.15
CA ALA A 205 -10.33 -4.17 -17.88
C ALA A 205 -11.31 -5.19 -18.46
N MET A 206 -12.61 -4.95 -18.28
CA MET A 206 -13.62 -5.86 -18.81
C MET A 206 -13.42 -6.09 -20.30
N ALA A 207 -13.14 -5.02 -21.03
CA ALA A 207 -13.00 -5.09 -22.48
C ALA A 207 -11.72 -5.80 -22.92
N ASP A 208 -10.79 -6.06 -22.00
CA ASP A 208 -9.52 -6.71 -22.30
C ASP A 208 -9.48 -8.14 -21.78
N LEU A 209 -10.50 -8.60 -21.06
CA LEU A 209 -10.48 -9.94 -20.49
C LEU A 209 -10.38 -11.01 -21.57
N HIS A 210 -10.91 -10.74 -22.77
CA HIS A 210 -10.95 -11.74 -23.82
C HIS A 210 -9.56 -12.18 -24.26
N THR A 211 -8.52 -11.39 -23.94
CA THR A 211 -7.16 -11.73 -24.34
C THR A 211 -6.47 -12.69 -23.39
N LEU A 212 -7.08 -13.00 -22.24
CA LEU A 212 -6.39 -13.64 -21.14
C LEU A 212 -6.63 -15.14 -21.09
N SER A 213 -5.64 -15.85 -20.57
CA SER A 213 -5.79 -17.24 -20.18
C SER A 213 -6.73 -17.35 -18.98
N GLU A 214 -7.12 -18.59 -18.67
CA GLU A 214 -8.00 -18.83 -17.53
C GLU A 214 -7.39 -18.33 -16.23
N ASP A 215 -6.09 -18.57 -16.04
CA ASP A 215 -5.46 -18.15 -14.78
C ASP A 215 -5.34 -16.64 -14.68
N SER A 216 -4.94 -15.98 -15.77
CA SER A 216 -4.87 -14.52 -15.77
C SER A 216 -6.24 -13.90 -15.59
N TYR A 217 -7.26 -14.51 -16.22
CA TYR A 217 -8.62 -14.06 -16.05
C TYR A 217 -9.04 -14.07 -14.58
N LYS A 218 -8.67 -15.14 -13.86
CA LYS A 218 -8.99 -15.20 -12.44
C LYS A 218 -8.28 -14.10 -11.67
N ASP A 219 -7.00 -13.87 -11.95
CA ASP A 219 -6.25 -12.82 -11.27
C ASP A 219 -6.91 -11.46 -11.48
N SER A 220 -7.25 -11.15 -12.73
CA SER A 220 -7.76 -9.81 -13.03
C SER A 220 -9.16 -9.62 -12.48
N THR A 221 -10.03 -10.63 -12.63
CA THR A 221 -11.41 -10.46 -12.17
C THR A 221 -11.49 -10.36 -10.65
N LEU A 222 -10.55 -10.97 -9.92
CA LEU A 222 -10.54 -10.82 -8.47
C LEU A 222 -10.39 -9.34 -8.07
N ILE A 223 -9.47 -8.63 -8.73
CA ILE A 223 -9.27 -7.23 -8.39
C ILE A 223 -10.40 -6.37 -8.94
N MET A 224 -10.92 -6.72 -10.11
CA MET A 224 -12.08 -6.00 -10.62
C MET A 224 -13.24 -6.07 -9.64
N GLN A 225 -13.37 -7.18 -8.92
CA GLN A 225 -14.46 -7.30 -7.95
C GLN A 225 -14.29 -6.31 -6.81
N LEU A 226 -13.04 -6.04 -6.41
CA LEU A 226 -12.82 -5.01 -5.39
C LEU A 226 -13.22 -3.63 -5.89
N LEU A 227 -12.91 -3.32 -7.15
CA LEU A 227 -13.37 -2.06 -7.73
C LEU A 227 -14.90 -1.98 -7.69
N ARG A 228 -15.55 -3.09 -8.07
CA ARG A 228 -17.02 -3.13 -8.05
C ARG A 228 -17.55 -2.98 -6.63
N ASP A 229 -16.90 -3.61 -5.65
CA ASP A 229 -17.33 -3.48 -4.26
C ASP A 229 -17.29 -2.02 -3.82
N ASN A 230 -16.24 -1.30 -4.20
CA ASN A 230 -16.17 0.11 -3.83
C ASN A 230 -17.22 0.93 -4.56
N LEU A 231 -17.43 0.66 -5.84
CA LEU A 231 -18.47 1.39 -6.56
C LEU A 231 -19.84 1.15 -5.92
N THR A 232 -20.11 -0.07 -5.47
CA THR A 232 -21.37 -0.35 -4.80
C THR A 232 -21.47 0.41 -3.47
N LEU A 233 -20.37 0.49 -2.75
CA LEU A 233 -20.37 1.23 -1.48
C LEU A 233 -20.55 2.73 -1.70
N TRP A 234 -20.00 3.26 -2.80
CA TRP A 234 -19.92 4.70 -3.02
C TRP A 234 -21.09 5.26 -3.82
N THR A 235 -21.89 4.42 -4.46
CA THR A 235 -22.98 4.90 -5.30
C THR A 235 -24.29 4.23 -4.94
N ARG B 9 -15.59 2.02 5.36
CA ARG B 9 -14.28 1.97 4.73
C ARG B 9 -14.30 1.08 3.48
N PRO B 10 -13.87 1.65 2.35
CA PRO B 10 -13.77 0.86 1.12
C PRO B 10 -12.54 -0.05 1.14
N SER B 11 -12.48 -0.90 0.11
CA SER B 11 -11.42 -1.88 -0.04
C SER B 11 -10.27 -1.31 -0.84
N SEP B 12 -9.08 -1.28 -0.25
CA SEP B 12 -7.88 -1.11 -1.05
CB SEP B 12 -6.79 -0.40 -0.26
OG SEP B 12 -6.53 -1.14 0.92
C SEP B 12 -7.44 -2.52 -1.43
O SEP B 12 -8.08 -3.50 -1.02
P SEP B 12 -5.58 -0.42 1.99
O1P SEP B 12 -6.26 0.91 2.53
O2P SEP B 12 -5.39 -1.48 3.16
O3P SEP B 12 -4.17 -0.13 1.31
N TRP B 13 -6.37 -2.64 -2.20
CA TRP B 13 -5.97 -3.96 -2.64
C TRP B 13 -5.67 -4.87 -1.46
N ARG B 14 -6.11 -6.11 -1.57
CA ARG B 14 -5.83 -7.12 -0.55
C ARG B 14 -5.71 -8.47 -1.23
N GLN B 15 -5.03 -9.39 -0.56
CA GLN B 15 -4.80 -10.74 -1.09
C GLN B 15 -6.11 -11.52 -1.19
C01 SFW C . -0.84 -3.95 -5.23
C02 SFW C . -1.00 -5.34 -5.83
C03 SFW C . -1.85 -5.54 -6.91
C04 SFW C . -1.99 -6.80 -7.44
C05 SFW C . -1.30 -7.87 -6.90
C07 SFW C . -0.68 -9.85 -8.34
C08 SFW C . 0.70 -9.45 -8.86
C09 SFW C . 1.14 -8.13 -8.86
C10 SFW C . 2.41 -7.81 -9.35
C11 SFW C . 3.22 -8.81 -9.85
C12 SFW C . 2.78 -10.12 -9.86
C13 SFW C . 1.53 -10.45 -9.37
C15 SFW C . -2.45 -11.05 -8.05
C16 SFW C . -2.58 -9.89 -7.33
C17 SFW C . -0.44 -7.67 -5.83
C18 SFW C . 0.36 -8.82 -5.20
C22 SFW C . -0.30 -6.41 -5.29
F19 SFW C . -0.44 -9.93 -5.04
F20 SFW C . 0.82 -8.44 -3.98
F21 SFW C . 1.41 -9.15 -6.00
N06 SFW C . -1.49 -9.18 -7.51
N14 SFW C . -1.28 -11.01 -8.66
CA CA D . 17.28 -2.06 -13.02
CA CA E . 26.13 -13.57 -0.16
CL CL F . 16.44 -16.92 12.21
#